data_1I0S
#
_entry.id   1I0S
#
_cell.length_a   56.047
_cell.length_b   56.047
_cell.length_c   212.969
_cell.angle_alpha   90.00
_cell.angle_beta   90.00
_cell.angle_gamma   90.00
#
_symmetry.space_group_name_H-M   'P 41 21 2'
#
loop_
_entity.id
_entity.type
_entity.pdbx_description
1 polymer 'CONSERVED HYPOTHETICAL PROTEIN'
2 non-polymer 'FLAVIN MONONUCLEOTIDE'
3 non-polymer 'NADP NICOTINAMIDE-ADENINE-DINUCLEOTIDE PHOSPHATE'
4 water water
#
_entity_poly.entity_id   1
_entity_poly.type   'polypeptide(L)'
_entity_poly.pdbx_seq_one_letter_code
;MDVEAFYKISYGLYIVTSESNGRKCGQIANTVFQLTSKPVQIAVCLNKENDTHNAVKESGAFGVSVLELETPMEFIGRFG
FRKSSEFEKFDGVEYKTGKTGVPLVTQHAVAVIEAKVVKECDVGTHTLFVGEAVDAEVLKDAEVLTYADYHLMKKGKTPR
TATVYFESK
;
_entity_poly.pdbx_strand_id   A,B
#
# COMPACT_ATOMS: atom_id res chain seq x y z
N MET A 1 -18.82 12.43 1.70
CA MET A 1 -17.53 11.76 1.40
C MET A 1 -17.67 10.94 0.12
N ASP A 2 -16.80 11.22 -0.84
CA ASP A 2 -16.81 10.55 -2.13
C ASP A 2 -15.89 9.34 -2.10
N VAL A 3 -16.48 8.15 -2.03
CA VAL A 3 -15.70 6.91 -1.96
C VAL A 3 -14.79 6.71 -3.16
N GLU A 4 -15.04 7.39 -4.27
CA GLU A 4 -14.20 7.24 -5.43
C GLU A 4 -12.82 7.85 -5.21
N ALA A 5 -12.66 8.66 -4.17
CA ALA A 5 -11.35 9.26 -3.89
C ALA A 5 -10.39 8.15 -3.47
N PHE A 6 -10.93 7.10 -2.86
CA PHE A 6 -10.06 6.01 -2.41
C PHE A 6 -9.53 5.19 -3.56
N TYR A 7 -10.14 5.31 -4.73
CA TYR A 7 -9.67 4.61 -5.93
C TYR A 7 -8.32 5.17 -6.39
N LYS A 8 -8.01 6.39 -5.94
CA LYS A 8 -6.79 7.05 -6.33
C LYS A 8 -5.55 6.56 -5.58
N ILE A 9 -5.76 5.80 -4.51
CA ILE A 9 -4.63 5.22 -3.76
C ILE A 9 -4.05 4.07 -4.60
N SER A 10 -2.72 4.02 -4.71
CA SER A 10 -2.01 3.01 -5.51
C SER A 10 -1.67 1.73 -4.75
N TYR A 11 -1.75 0.60 -5.45
CA TYR A 11 -1.40 -0.70 -4.84
C TYR A 11 -0.79 -1.61 -5.89
N GLY A 12 -0.14 -2.65 -5.41
CA GLY A 12 0.36 -3.69 -6.31
C GLY A 12 -0.76 -4.74 -6.25
N LEU A 13 -0.51 -5.93 -6.79
CA LEU A 13 -1.51 -7.00 -6.69
C LEU A 13 -0.68 -8.23 -6.36
N TYR A 14 -1.12 -8.96 -5.33
CA TYR A 14 -0.33 -10.07 -4.81
C TYR A 14 -1.15 -11.28 -4.45
N ILE A 15 -0.46 -12.39 -4.19
CA ILE A 15 -1.16 -13.55 -3.63
C ILE A 15 -0.50 -13.63 -2.23
N VAL A 16 -1.33 -13.68 -1.19
CA VAL A 16 -0.84 -13.83 0.18
C VAL A 16 -1.19 -15.28 0.53
N THR A 17 -0.19 -16.02 0.99
CA THR A 17 -0.36 -17.45 1.29
C THR A 17 0.04 -17.86 2.70
N SER A 18 -0.44 -19.02 3.13
CA SER A 18 -0.11 -19.54 4.45
C SER A 18 -0.58 -20.98 4.51
N GLU A 19 -0.14 -21.72 5.52
CA GLU A 19 -0.61 -23.10 5.65
C GLU A 19 -0.82 -23.38 7.12
N SER A 20 -1.95 -23.99 7.42
CA SER A 20 -2.24 -24.37 8.80
C SER A 20 -2.97 -25.69 8.81
N ASN A 21 -2.48 -26.62 9.63
CA ASN A 21 -3.08 -27.93 9.75
C ASN A 21 -3.17 -28.60 8.38
N GLY A 22 -2.03 -28.63 7.67
CA GLY A 22 -1.98 -29.25 6.36
C GLY A 22 -2.88 -28.64 5.29
N ARG A 23 -3.49 -27.51 5.58
CA ARG A 23 -4.37 -26.86 4.61
C ARG A 23 -3.70 -25.62 4.03
N LYS A 24 -3.34 -25.69 2.75
CA LYS A 24 -2.72 -24.56 2.07
C LYS A 24 -3.79 -23.53 1.75
N CYS A 25 -3.50 -22.27 2.05
CA CYS A 25 -4.44 -21.18 1.79
C CYS A 25 -3.74 -20.07 1.01
N GLY A 26 -4.49 -19.43 0.13
CA GLY A 26 -3.93 -18.31 -0.62
C GLY A 26 -5.09 -17.42 -1.03
N GLN A 27 -4.85 -16.11 -1.09
CA GLN A 27 -5.88 -15.18 -1.52
C GLN A 27 -5.21 -14.05 -2.28
N ILE A 28 -5.98 -13.37 -3.11
CA ILE A 28 -5.43 -12.20 -3.78
C ILE A 28 -5.54 -11.05 -2.74
N ALA A 29 -4.56 -10.16 -2.73
CA ALA A 29 -4.63 -9.00 -1.85
C ALA A 29 -3.95 -7.86 -2.55
N ASN A 30 -4.51 -6.66 -2.39
CA ASN A 30 -3.81 -5.51 -2.91
C ASN A 30 -3.15 -4.80 -1.74
N THR A 31 -3.59 -5.10 -0.51
CA THR A 31 -3.07 -4.43 0.68
C THR A 31 -1.84 -5.10 1.28
N VAL A 32 -0.71 -4.87 0.63
CA VAL A 32 0.58 -5.43 1.03
C VAL A 32 1.60 -4.30 0.89
N PHE A 33 2.30 -3.99 1.98
CA PHE A 33 3.28 -2.92 1.97
C PHE A 33 4.39 -3.11 2.98
N GLN A 34 5.57 -2.60 2.65
CA GLN A 34 6.69 -2.66 3.58
C GLN A 34 6.48 -1.52 4.59
N LEU A 35 6.65 -1.81 5.87
CA LEU A 35 6.49 -0.79 6.92
C LEU A 35 7.79 -0.22 7.44
N THR A 36 8.79 -1.09 7.61
CA THR A 36 10.09 -0.67 8.15
C THR A 36 11.25 -1.34 7.43
N SER A 37 12.46 -0.83 7.66
CA SER A 37 13.65 -1.41 7.05
C SER A 37 14.56 -2.03 8.13
N LYS A 38 14.41 -1.58 9.38
CA LYS A 38 15.21 -2.10 10.49
C LYS A 38 14.34 -2.66 11.61
N PRO A 39 13.98 -3.96 11.53
CA PRO A 39 14.32 -4.92 10.48
C PRO A 39 13.30 -4.77 9.35
N VAL A 40 13.44 -5.53 8.27
CA VAL A 40 12.47 -5.41 7.19
C VAL A 40 11.16 -6.07 7.66
N GLN A 41 10.07 -5.30 7.69
CA GLN A 41 8.77 -5.81 8.12
C GLN A 41 7.76 -5.48 7.03
N ILE A 42 6.91 -6.44 6.71
CA ILE A 42 5.92 -6.28 5.65
C ILE A 42 4.54 -6.48 6.26
N ALA A 43 3.59 -5.65 5.88
CA ALA A 43 2.25 -5.79 6.40
C ALA A 43 1.31 -6.32 5.32
N VAL A 44 0.38 -7.15 5.72
CA VAL A 44 -0.67 -7.65 4.84
C VAL A 44 -1.96 -7.47 5.62
N CYS A 45 -2.99 -6.94 4.99
CA CYS A 45 -4.27 -6.69 5.69
C CYS A 45 -5.30 -7.66 5.11
N LEU A 46 -5.73 -8.61 5.93
CA LEU A 46 -6.65 -9.66 5.50
C LEU A 46 -7.97 -9.67 6.24
N ASN A 47 -9.05 -9.86 5.47
CA ASN A 47 -10.39 -9.87 6.03
C ASN A 47 -10.54 -11.08 6.98
N LYS A 48 -11.13 -10.87 8.16
CA LYS A 48 -11.31 -11.93 9.15
C LYS A 48 -12.15 -13.10 8.63
N GLU A 49 -12.91 -12.87 7.57
CA GLU A 49 -13.75 -13.93 6.98
C GLU A 49 -12.95 -14.89 6.10
N ASN A 50 -11.72 -14.51 5.77
CA ASN A 50 -10.94 -15.30 4.82
C ASN A 50 -10.23 -16.50 5.43
N ASP A 51 -10.17 -17.59 4.67
CA ASP A 51 -9.47 -18.77 5.14
C ASP A 51 -7.99 -18.44 5.31
N THR A 52 -7.44 -17.60 4.44
CA THR A 52 -6.02 -17.27 4.53
C THR A 52 -5.76 -16.48 5.82
N HIS A 53 -6.69 -15.60 6.19
CA HIS A 53 -6.57 -14.84 7.43
C HIS A 53 -6.41 -15.81 8.62
N ASN A 54 -7.29 -16.81 8.67
CA ASN A 54 -7.23 -17.77 9.77
C ASN A 54 -5.97 -18.62 9.74
N ALA A 55 -5.47 -18.93 8.54
CA ALA A 55 -4.26 -19.73 8.46
C ALA A 55 -3.10 -18.90 8.99
N VAL A 56 -3.10 -17.60 8.69
CA VAL A 56 -2.00 -16.74 9.17
C VAL A 56 -2.11 -16.56 10.69
N LYS A 57 -3.33 -16.38 11.17
CA LYS A 57 -3.58 -16.24 12.60
C LYS A 57 -3.04 -17.46 13.36
N GLU A 58 -3.32 -18.66 12.84
CA GLU A 58 -2.88 -19.89 13.48
C GLU A 58 -1.37 -20.17 13.32
N SER A 59 -0.88 -20.11 12.10
CA SER A 59 0.53 -20.45 11.86
C SER A 59 1.56 -19.39 12.14
N GLY A 60 1.15 -18.12 12.19
CA GLY A 60 2.12 -17.07 12.43
C GLY A 60 3.11 -16.88 11.30
N ALA A 61 2.72 -17.22 10.08
CA ALA A 61 3.61 -17.02 8.94
C ALA A 61 2.80 -16.76 7.67
N PHE A 62 3.39 -16.05 6.73
CA PHE A 62 2.74 -15.81 5.45
C PHE A 62 3.73 -15.61 4.33
N GLY A 63 3.28 -15.93 3.12
CA GLY A 63 4.07 -15.72 1.93
C GLY A 63 3.39 -14.66 1.09
N VAL A 64 4.17 -14.02 0.23
CA VAL A 64 3.67 -12.99 -0.66
C VAL A 64 4.23 -13.22 -2.07
N SER A 65 3.35 -13.35 -3.07
CA SER A 65 3.82 -13.47 -4.44
C SER A 65 3.45 -12.15 -5.14
N VAL A 66 4.44 -11.44 -5.68
CA VAL A 66 4.15 -10.18 -6.38
C VAL A 66 3.77 -10.56 -7.81
N LEU A 67 2.52 -10.31 -8.20
CA LEU A 67 2.07 -10.73 -9.54
C LEU A 67 2.63 -9.93 -10.69
N GLU A 68 2.92 -10.63 -11.79
CA GLU A 68 3.45 -9.99 -12.99
C GLU A 68 2.33 -9.33 -13.82
N LEU A 69 2.72 -8.34 -14.62
CA LEU A 69 1.76 -7.63 -15.46
C LEU A 69 0.89 -8.55 -16.30
N GLU A 70 1.49 -9.59 -16.89
CA GLU A 70 0.74 -10.50 -17.73
C GLU A 70 0.03 -11.65 -17.04
N THR A 71 -0.26 -11.50 -15.75
CA THR A 71 -0.98 -12.56 -15.03
C THR A 71 -2.39 -12.65 -15.62
N PRO A 72 -2.84 -13.86 -15.97
CA PRO A 72 -4.17 -14.07 -16.54
C PRO A 72 -5.29 -13.81 -15.53
N MET A 73 -6.43 -13.31 -16.00
CA MET A 73 -7.53 -13.04 -15.10
C MET A 73 -8.04 -14.31 -14.42
N GLU A 74 -7.99 -15.45 -15.12
CA GLU A 74 -8.46 -16.68 -14.48
C GLU A 74 -7.58 -17.09 -13.30
N PHE A 75 -6.30 -16.70 -13.33
CA PHE A 75 -5.37 -17.02 -12.24
C PHE A 75 -5.71 -16.11 -11.06
N ILE A 76 -6.01 -14.85 -11.37
CA ILE A 76 -6.41 -13.93 -10.31
C ILE A 76 -7.71 -14.45 -9.67
N GLY A 77 -8.66 -14.91 -10.50
CA GLY A 77 -9.93 -15.40 -9.98
C GLY A 77 -9.82 -16.68 -9.17
N ARG A 78 -8.85 -17.51 -9.54
CA ARG A 78 -8.59 -18.77 -8.85
C ARG A 78 -8.34 -18.47 -7.38
N PHE A 79 -7.57 -17.43 -7.12
CA PHE A 79 -7.24 -17.04 -5.75
C PHE A 79 -8.11 -15.97 -5.11
N GLY A 80 -8.77 -15.16 -5.92
CA GLY A 80 -9.53 -14.07 -5.35
C GLY A 80 -11.05 -14.12 -5.33
N PHE A 81 -11.63 -15.18 -5.86
CA PHE A 81 -13.09 -15.28 -5.89
C PHE A 81 -13.66 -16.59 -5.38
N ARG A 82 -12.91 -17.25 -4.48
CA ARG A 82 -13.38 -18.48 -3.87
C ARG A 82 -12.58 -18.71 -2.60
N LYS A 83 -13.03 -19.63 -1.74
CA LYS A 83 -12.33 -19.90 -0.48
C LYS A 83 -11.39 -21.08 -0.58
N SER A 84 -10.21 -20.94 0.05
CA SER A 84 -9.19 -21.98 0.03
C SER A 84 -9.64 -23.34 0.56
N SER A 85 -10.53 -23.34 1.53
CA SER A 85 -11.02 -24.58 2.14
C SER A 85 -12.09 -25.24 1.29
N GLU A 86 -12.58 -24.54 0.27
CA GLU A 86 -13.65 -25.07 -0.58
C GLU A 86 -13.27 -25.44 -1.99
N PHE A 87 -12.13 -24.92 -2.44
CA PHE A 87 -11.61 -25.16 -3.79
C PHE A 87 -10.10 -25.29 -3.63
N GLU A 88 -9.53 -26.31 -4.27
CA GLU A 88 -8.07 -26.58 -4.18
C GLU A 88 -7.32 -25.59 -5.07
N LYS A 89 -7.05 -24.41 -4.53
CA LYS A 89 -6.40 -23.33 -5.26
C LYS A 89 -5.01 -23.65 -5.74
N PHE A 90 -4.30 -24.52 -5.02
CA PHE A 90 -2.94 -24.82 -5.40
C PHE A 90 -2.80 -25.95 -6.39
N ASP A 91 -3.88 -26.71 -6.59
CA ASP A 91 -3.86 -27.84 -7.53
C ASP A 91 -3.90 -27.25 -8.93
N GLY A 92 -2.82 -27.45 -9.69
CA GLY A 92 -2.74 -26.92 -11.04
C GLY A 92 -1.84 -25.70 -11.17
N VAL A 93 -1.19 -25.36 -10.06
CA VAL A 93 -0.30 -24.20 -9.99
C VAL A 93 1.10 -24.59 -9.52
N GLU A 94 2.13 -23.87 -9.97
CA GLU A 94 3.51 -24.12 -9.54
C GLU A 94 3.84 -23.31 -8.26
N TYR A 95 4.41 -23.97 -7.27
CA TYR A 95 4.79 -23.30 -6.02
C TYR A 95 5.85 -24.12 -5.31
N LYS A 96 6.45 -23.56 -4.26
CA LYS A 96 7.46 -24.28 -3.50
C LYS A 96 7.18 -23.97 -2.05
N THR A 97 7.87 -24.64 -1.14
CA THR A 97 7.65 -24.41 0.29
C THR A 97 8.75 -23.56 0.87
N GLY A 98 8.36 -22.47 1.55
CA GLY A 98 9.34 -21.58 2.14
C GLY A 98 9.99 -22.12 3.41
N LYS A 99 10.98 -21.39 3.90
CA LYS A 99 11.69 -21.77 5.12
C LYS A 99 10.74 -21.73 6.32
N THR A 100 9.69 -20.92 6.23
CA THR A 100 8.71 -20.81 7.30
C THR A 100 7.60 -21.86 7.18
N GLY A 101 7.56 -22.57 6.06
CA GLY A 101 6.54 -23.58 5.86
C GLY A 101 5.39 -23.10 4.99
N VAL A 102 5.36 -21.83 4.62
CA VAL A 102 4.27 -21.32 3.78
C VAL A 102 4.47 -21.69 2.33
N PRO A 103 3.38 -21.88 1.59
CA PRO A 103 3.50 -22.22 0.18
C PRO A 103 3.82 -20.92 -0.56
N LEU A 104 4.87 -20.91 -1.36
CA LEU A 104 5.23 -19.71 -2.08
C LEU A 104 4.89 -19.95 -3.54
N VAL A 105 3.87 -19.26 -4.03
CA VAL A 105 3.44 -19.42 -5.43
C VAL A 105 4.42 -18.71 -6.35
N THR A 106 5.08 -19.51 -7.19
CA THR A 106 6.07 -18.97 -8.11
C THR A 106 5.48 -18.66 -9.47
N GLN A 107 4.40 -19.34 -9.83
CA GLN A 107 3.75 -19.10 -11.11
C GLN A 107 3.24 -17.64 -11.17
N HIS A 108 3.58 -16.94 -12.26
CA HIS A 108 3.20 -15.54 -12.50
C HIS A 108 3.75 -14.57 -11.47
N ALA A 109 4.77 -14.99 -10.72
CA ALA A 109 5.37 -14.12 -9.70
C ALA A 109 6.68 -13.48 -10.11
N VAL A 110 6.77 -12.17 -9.92
CA VAL A 110 8.00 -11.43 -10.25
C VAL A 110 8.98 -11.66 -9.10
N ALA A 111 8.42 -11.87 -7.91
CA ALA A 111 9.22 -12.07 -6.70
C ALA A 111 8.37 -12.73 -5.63
N VAL A 112 9.02 -13.40 -4.68
CA VAL A 112 8.28 -13.98 -3.57
C VAL A 112 8.97 -13.52 -2.30
N ILE A 113 8.18 -13.40 -1.25
CA ILE A 113 8.68 -12.99 0.07
C ILE A 113 8.00 -13.86 1.12
N GLU A 114 8.72 -14.28 2.15
CA GLU A 114 8.05 -15.01 3.23
C GLU A 114 8.41 -14.31 4.54
N ALA A 115 7.46 -14.29 5.45
CA ALA A 115 7.66 -13.59 6.72
C ALA A 115 7.03 -14.31 7.89
N LYS A 116 7.56 -14.05 9.09
CA LYS A 116 6.98 -14.59 10.32
C LYS A 116 6.23 -13.43 11.00
N VAL A 117 5.04 -13.71 11.51
CA VAL A 117 4.22 -12.66 12.13
C VAL A 117 4.80 -12.26 13.49
N VAL A 118 5.05 -10.96 13.66
CA VAL A 118 5.59 -10.43 14.91
C VAL A 118 4.61 -9.51 15.63
N LYS A 119 3.52 -9.16 14.94
CA LYS A 119 2.49 -8.31 15.54
C LYS A 119 1.20 -8.42 14.74
N GLU A 120 0.08 -8.36 15.45
CA GLU A 120 -1.24 -8.35 14.82
C GLU A 120 -1.93 -7.09 15.29
N CYS A 121 -2.47 -6.33 14.34
CA CYS A 121 -3.18 -5.11 14.67
C CYS A 121 -4.61 -5.24 14.16
N ASP A 122 -5.54 -5.42 15.09
CA ASP A 122 -6.95 -5.59 14.76
C ASP A 122 -7.59 -4.29 14.30
N VAL A 123 -8.11 -4.28 13.08
CA VAL A 123 -8.74 -3.06 12.59
C VAL A 123 -10.21 -3.25 12.25
N GLY A 124 -10.86 -4.18 12.95
CA GLY A 124 -12.29 -4.36 12.72
C GLY A 124 -12.65 -5.55 11.85
N THR A 125 -12.98 -5.27 10.60
CA THR A 125 -13.33 -6.34 9.67
C THR A 125 -12.10 -7.12 9.24
N HIS A 126 -10.93 -6.52 9.43
CA HIS A 126 -9.67 -7.10 9.01
C HIS A 126 -8.64 -7.12 10.12
N THR A 127 -7.61 -7.96 9.91
CA THR A 127 -6.47 -8.00 10.80
C THR A 127 -5.27 -7.57 9.96
N LEU A 128 -4.51 -6.58 10.45
CA LEU A 128 -3.29 -6.16 9.76
C LEU A 128 -2.18 -6.97 10.40
N PHE A 129 -1.59 -7.90 9.65
CA PHE A 129 -0.50 -8.72 10.17
C PHE A 129 0.81 -8.05 9.83
N VAL A 130 1.69 -7.93 10.82
CA VAL A 130 3.00 -7.35 10.59
C VAL A 130 3.96 -8.53 10.62
N GLY A 131 4.63 -8.77 9.50
CA GLY A 131 5.57 -9.88 9.47
C GLY A 131 7.00 -9.43 9.26
N GLU A 132 7.94 -10.08 9.93
CA GLU A 132 9.34 -9.76 9.74
C GLU A 132 9.80 -10.66 8.58
N ALA A 133 10.41 -10.09 7.56
CA ALA A 133 10.81 -10.92 6.42
C ALA A 133 11.91 -11.92 6.79
N VAL A 134 11.74 -13.16 6.33
CA VAL A 134 12.71 -14.22 6.59
C VAL A 134 13.49 -14.59 5.32
N ASP A 135 12.86 -14.38 4.16
CA ASP A 135 13.52 -14.64 2.89
C ASP A 135 12.75 -13.90 1.80
N ALA A 136 13.43 -13.61 0.70
CA ALA A 136 12.82 -12.90 -0.44
C ALA A 136 13.65 -13.23 -1.66
N GLU A 137 13.00 -13.40 -2.80
CA GLU A 137 13.70 -13.75 -4.01
C GLU A 137 13.03 -13.11 -5.22
N VAL A 138 13.85 -12.60 -6.15
CA VAL A 138 13.33 -12.02 -7.38
C VAL A 138 13.38 -13.20 -8.37
N LEU A 139 12.26 -13.46 -9.03
CA LEU A 139 12.16 -14.60 -9.95
C LEU A 139 12.14 -14.28 -11.45
N LYS A 140 11.59 -13.12 -11.78
CA LYS A 140 11.45 -12.69 -13.18
C LYS A 140 11.83 -11.24 -13.32
N ASP A 141 12.15 -10.84 -14.56
CA ASP A 141 12.48 -9.46 -14.84
C ASP A 141 11.24 -8.70 -15.35
N ALA A 142 10.08 -9.34 -15.27
CA ALA A 142 8.82 -8.76 -15.74
C ALA A 142 8.31 -7.55 -14.96
N GLU A 143 7.43 -6.78 -15.60
CA GLU A 143 6.83 -5.63 -14.95
C GLU A 143 5.83 -6.19 -13.96
N VAL A 144 5.54 -5.44 -12.90
CA VAL A 144 4.57 -5.88 -11.92
C VAL A 144 3.19 -5.41 -12.30
N LEU A 145 2.17 -6.10 -11.80
CA LEU A 145 0.79 -5.74 -12.06
C LEU A 145 0.32 -4.82 -10.94
N THR A 146 -0.27 -3.67 -11.28
CA THR A 146 -0.80 -2.80 -10.22
C THR A 146 -2.31 -3.02 -10.10
N TYR A 147 -2.89 -2.58 -9.00
CA TYR A 147 -4.32 -2.71 -8.79
C TYR A 147 -5.05 -1.86 -9.83
N ALA A 148 -4.44 -0.74 -10.21
CA ALA A 148 -5.04 0.13 -11.23
C ALA A 148 -5.05 -0.62 -12.57
N ASP A 149 -3.98 -1.36 -12.85
CA ASP A 149 -3.90 -2.17 -14.07
C ASP A 149 -5.03 -3.18 -14.07
N TYR A 150 -5.21 -3.84 -12.94
CA TYR A 150 -6.27 -4.83 -12.80
C TYR A 150 -7.63 -4.20 -13.09
N HIS A 151 -7.84 -2.96 -12.65
CA HIS A 151 -9.12 -2.34 -12.93
C HIS A 151 -9.31 -2.03 -14.39
N LEU A 152 -8.22 -1.86 -15.12
CA LEU A 152 -8.31 -1.63 -16.55
C LEU A 152 -8.62 -2.98 -17.21
N MET A 153 -8.09 -4.07 -16.65
CA MET A 153 -8.34 -5.42 -17.17
C MET A 153 -9.81 -5.77 -16.93
N LYS A 154 -10.36 -5.30 -15.82
CA LYS A 154 -11.74 -5.56 -15.49
C LYS A 154 -12.65 -4.91 -16.53
N LYS A 155 -12.19 -3.82 -17.14
CA LYS A 155 -12.96 -3.12 -18.13
C LYS A 155 -12.77 -3.74 -19.51
N GLY A 156 -12.07 -4.84 -19.60
CA GLY A 156 -11.83 -5.47 -20.87
C GLY A 156 -10.51 -5.16 -21.57
N LYS A 157 -9.66 -4.34 -20.95
CA LYS A 157 -8.38 -4.01 -21.56
C LYS A 157 -7.35 -5.10 -21.26
N THR A 158 -6.34 -5.20 -22.11
CA THR A 158 -5.30 -6.20 -21.93
C THR A 158 -3.92 -5.56 -22.12
N PRO A 159 -2.94 -5.94 -21.27
CA PRO A 159 -1.58 -5.41 -21.33
C PRO A 159 -0.79 -5.75 -22.60
N ARG A 160 -0.04 -4.78 -23.09
CA ARG A 160 0.80 -4.97 -24.26
C ARG A 160 2.14 -4.35 -23.90
N THR A 161 3.10 -5.22 -23.60
CA THR A 161 4.45 -4.83 -23.22
C THR A 161 4.97 -3.56 -23.90
N MET B 1 18.35 -13.67 1.19
CA MET B 1 17.24 -12.70 1.03
C MET B 1 17.68 -11.55 0.14
N ASP B 2 17.03 -11.40 -1.00
CA ASP B 2 17.37 -10.32 -1.93
C ASP B 2 16.47 -9.13 -1.71
N VAL B 3 17.09 -8.05 -1.22
CA VAL B 3 16.38 -6.81 -0.94
C VAL B 3 15.63 -6.29 -2.18
N GLU B 4 16.13 -6.59 -3.37
CA GLU B 4 15.47 -6.11 -4.57
C GLU B 4 14.01 -6.57 -4.66
N ALA B 5 13.70 -7.69 -4.03
CA ALA B 5 12.32 -8.16 -4.07
C ALA B 5 11.37 -7.16 -3.41
N PHE B 6 11.84 -6.46 -2.37
CA PHE B 6 10.98 -5.51 -1.68
C PHE B 6 10.69 -4.29 -2.55
N TYR B 7 11.57 -4.04 -3.52
CA TYR B 7 11.38 -2.93 -4.43
C TYR B 7 10.33 -3.25 -5.50
N LYS B 8 9.81 -4.48 -5.47
CA LYS B 8 8.78 -4.91 -6.41
C LYS B 8 7.38 -4.58 -5.86
N ILE B 9 7.32 -4.11 -4.61
CA ILE B 9 6.04 -3.74 -3.99
C ILE B 9 5.68 -2.34 -4.49
N SER B 10 4.42 -2.15 -4.88
CA SER B 10 3.96 -0.86 -5.40
C SER B 10 3.37 0.10 -4.38
N TYR B 11 3.59 1.40 -4.63
CA TYR B 11 3.09 2.46 -3.75
C TYR B 11 2.72 3.68 -4.55
N GLY B 12 1.97 4.58 -3.92
CA GLY B 12 1.65 5.84 -4.54
C GLY B 12 2.61 6.86 -3.93
N LEU B 13 2.38 8.14 -4.20
CA LEU B 13 3.21 9.19 -3.58
C LEU B 13 2.19 10.18 -3.06
N TYR B 14 2.38 10.55 -1.79
CA TYR B 14 1.42 11.41 -1.12
C TYR B 14 2.05 12.44 -0.23
N ILE B 15 1.25 13.44 0.13
CA ILE B 15 1.68 14.40 1.14
C ILE B 15 0.75 14.02 2.28
N VAL B 16 1.32 13.74 3.46
CA VAL B 16 0.54 13.41 4.64
C VAL B 16 0.64 14.67 5.50
N THR B 17 -0.51 15.21 5.87
CA THR B 17 -0.53 16.46 6.63
C THR B 17 -1.18 16.36 8.01
N SER B 18 -0.89 17.33 8.86
CA SER B 18 -1.46 17.36 10.19
C SER B 18 -1.27 18.76 10.74
N GLU B 19 -1.84 19.01 11.91
CA GLU B 19 -1.71 20.33 12.52
C GLU B 19 -1.61 20.10 14.00
N SER B 20 -0.58 20.65 14.63
CA SER B 20 -0.40 20.48 16.06
C SER B 20 0.22 21.74 16.64
N ASN B 21 -0.31 22.18 17.78
CA ASN B 21 0.20 23.39 18.44
C ASN B 21 0.10 24.58 17.49
N GLY B 22 -0.98 24.63 16.73
CA GLY B 22 -1.23 25.71 15.80
C GLY B 22 -0.29 25.80 14.63
N ARG B 23 0.43 24.72 14.37
CA ARG B 23 1.39 24.69 13.29
C ARG B 23 1.03 23.60 12.29
N LYS B 24 0.93 23.95 11.01
CA LYS B 24 0.63 22.97 9.96
C LYS B 24 1.92 22.19 9.69
N CYS B 25 1.79 20.89 9.48
CA CYS B 25 2.96 20.06 9.19
C CYS B 25 2.58 19.25 7.95
N GLY B 26 3.60 18.77 7.23
CA GLY B 26 3.35 17.98 6.03
C GLY B 26 4.59 17.20 5.71
N GLN B 27 4.42 16.01 5.14
CA GLN B 27 5.55 15.16 4.81
C GLN B 27 5.21 14.27 3.64
N ILE B 28 6.17 14.09 2.72
CA ILE B 28 5.97 13.18 1.59
C ILE B 28 6.02 11.76 2.18
N ALA B 29 5.16 10.88 1.69
CA ALA B 29 5.14 9.50 2.17
C ALA B 29 4.65 8.63 1.04
N ASN B 30 5.11 7.38 1.01
CA ASN B 30 4.62 6.46 -0.01
C ASN B 30 3.74 5.38 0.62
N THR B 31 3.78 5.25 1.94
CA THR B 31 3.03 4.20 2.59
C THR B 31 1.69 4.64 3.17
N VAL B 32 0.72 4.70 2.27
CA VAL B 32 -0.66 5.07 2.59
C VAL B 32 -1.53 4.04 1.88
N PHE B 33 -2.44 3.42 2.63
CA PHE B 33 -3.30 2.39 2.03
C PHE B 33 -4.62 2.24 2.75
N GLN B 34 -5.66 1.83 2.02
CA GLN B 34 -6.95 1.62 2.63
C GLN B 34 -6.96 0.23 3.28
N LEU B 35 -7.36 0.16 4.55
CA LEU B 35 -7.39 -1.09 5.31
C LEU B 35 -8.74 -1.78 5.23
N THR B 36 -9.80 -0.99 5.41
CA THR B 36 -11.17 -1.49 5.44
C THR B 36 -12.14 -0.57 4.69
N SER B 37 -13.34 -1.09 4.41
CA SER B 37 -14.38 -0.34 3.72
C SER B 37 -15.59 -0.10 4.60
N LYS B 38 -15.71 -0.88 5.67
CA LYS B 38 -16.82 -0.74 6.61
C LYS B 38 -16.33 -0.62 8.06
N PRO B 39 -16.04 0.60 8.52
CA PRO B 39 -16.11 1.88 7.81
C PRO B 39 -14.81 2.07 7.06
N VAL B 40 -14.72 3.09 6.22
CA VAL B 40 -13.46 3.30 5.52
C VAL B 40 -12.37 3.71 6.49
N GLN B 41 -11.28 2.96 6.48
CA GLN B 41 -10.13 3.27 7.32
C GLN B 41 -8.90 3.30 6.43
N ILE B 42 -8.07 4.30 6.65
CA ILE B 42 -6.84 4.51 5.87
C ILE B 42 -5.67 4.45 6.82
N ALA B 43 -4.61 3.76 6.40
CA ALA B 43 -3.42 3.65 7.22
C ALA B 43 -2.30 4.50 6.64
N VAL B 44 -1.53 5.15 7.51
CA VAL B 44 -0.36 5.89 7.07
C VAL B 44 0.77 5.46 7.99
N CYS B 45 1.92 5.09 7.43
CA CYS B 45 3.07 4.66 8.22
C CYS B 45 4.12 5.76 8.17
N LEU B 46 4.44 6.31 9.35
CA LEU B 46 5.40 7.41 9.48
C LEU B 46 6.53 7.09 10.46
N ASN B 47 7.73 7.52 10.07
CA ASN B 47 8.94 7.32 10.86
C ASN B 47 8.81 8.15 12.13
N LYS B 48 9.11 7.55 13.28
CA LYS B 48 8.99 8.23 14.57
C LYS B 48 9.83 9.49 14.70
N GLU B 49 10.84 9.62 13.86
CA GLU B 49 11.72 10.78 13.89
C GLU B 49 11.26 11.98 13.06
N ASN B 50 10.09 11.87 12.45
CA ASN B 50 9.55 12.93 11.61
C ASN B 50 8.64 13.85 12.41
N ASP B 51 8.68 15.13 12.09
CA ASP B 51 7.81 16.07 12.78
C ASP B 51 6.34 15.74 12.49
N THR B 52 6.03 15.26 11.28
CA THR B 52 4.62 14.97 10.96
C THR B 52 4.15 13.80 11.81
N HIS B 53 5.03 12.83 12.04
CA HIS B 53 4.68 11.69 12.90
C HIS B 53 4.22 12.22 14.27
N ASN B 54 5.00 13.11 14.86
CA ASN B 54 4.64 13.62 16.17
C ASN B 54 3.37 14.48 16.14
N ALA B 55 3.18 15.22 15.06
CA ALA B 55 2.00 16.05 14.92
C ALA B 55 0.73 15.18 14.87
N VAL B 56 0.83 14.04 14.19
CA VAL B 56 -0.34 13.17 14.09
C VAL B 56 -0.60 12.48 15.40
N LYS B 57 0.46 12.11 16.11
CA LYS B 57 0.28 11.44 17.39
C LYS B 57 -0.33 12.38 18.43
N GLU B 58 -0.01 13.67 18.33
CA GLU B 58 -0.53 14.66 19.28
C GLU B 58 -1.97 15.08 18.97
N SER B 59 -2.23 15.38 17.69
CA SER B 59 -3.53 15.84 17.24
C SER B 59 -4.58 14.77 16.99
N GLY B 60 -4.15 13.56 16.67
CA GLY B 60 -5.10 12.49 16.40
C GLY B 60 -5.84 12.63 15.09
N ALA B 61 -5.21 13.30 14.13
CA ALA B 61 -5.83 13.48 12.82
C ALA B 61 -4.78 13.67 11.74
N PHE B 62 -5.14 13.32 10.50
CA PHE B 62 -4.24 13.52 9.40
C PHE B 62 -4.99 13.68 8.09
N GLY B 63 -4.30 14.28 7.13
CA GLY B 63 -4.83 14.49 5.80
C GLY B 63 -3.90 13.81 4.82
N VAL B 64 -4.44 13.43 3.66
CA VAL B 64 -3.65 12.77 2.62
C VAL B 64 -3.95 13.43 1.28
N SER B 65 -2.91 13.90 0.60
CA SER B 65 -3.05 14.46 -0.74
C SER B 65 -2.44 13.43 -1.70
N VAL B 66 -3.22 12.95 -2.66
CA VAL B 66 -2.71 11.98 -3.64
C VAL B 66 -2.13 12.81 -4.78
N LEU B 67 -0.81 12.75 -4.94
CA LEU B 67 -0.14 13.55 -5.96
C LEU B 67 -0.34 13.11 -7.40
N GLU B 68 -0.47 14.09 -8.28
CA GLU B 68 -0.64 13.85 -9.71
C GLU B 68 0.70 13.55 -10.38
N LEU B 69 0.66 12.80 -11.47
CA LEU B 69 1.83 12.41 -12.23
C LEU B 69 2.79 13.57 -12.55
N GLU B 70 2.22 14.70 -12.95
CA GLU B 70 3.00 15.88 -13.31
C GLU B 70 3.47 16.78 -12.18
N THR B 71 3.30 16.34 -10.93
CA THR B 71 3.74 17.16 -9.80
C THR B 71 5.22 17.54 -9.97
N PRO B 72 5.55 18.83 -9.91
CA PRO B 72 6.97 19.19 -10.06
C PRO B 72 7.84 18.70 -8.89
N MET B 73 9.07 18.31 -9.19
CA MET B 73 9.97 17.83 -8.16
C MET B 73 10.23 18.83 -7.06
N GLU B 74 10.22 20.11 -7.41
CA GLU B 74 10.46 21.15 -6.41
C GLU B 74 9.34 21.19 -5.38
N PHE B 75 8.11 20.92 -5.82
CA PHE B 75 6.96 20.92 -4.94
C PHE B 75 7.09 19.74 -3.98
N ILE B 76 7.43 18.56 -4.52
CA ILE B 76 7.60 17.39 -3.68
C ILE B 76 8.71 17.68 -2.66
N GLY B 77 9.75 18.36 -3.12
CA GLY B 77 10.87 18.70 -2.24
C GLY B 77 10.49 19.53 -1.03
N ARG B 78 9.48 20.39 -1.18
CA ARG B 78 9.04 21.25 -0.07
C ARG B 78 8.67 20.43 1.15
N PHE B 79 8.15 19.23 0.92
CA PHE B 79 7.71 18.39 2.02
C PHE B 79 8.63 17.22 2.35
N GLY B 80 9.88 17.30 1.90
CA GLY B 80 10.81 16.21 2.18
C GLY B 80 12.01 16.55 3.05
N PHE B 81 12.00 17.73 3.66
CA PHE B 81 13.13 18.15 4.51
C PHE B 81 12.97 17.67 5.96
N ARG B 82 14.06 17.14 6.52
CA ARG B 82 14.04 16.67 7.89
C ARG B 82 13.64 17.81 8.81
N LYS B 83 14.18 19.00 8.52
CA LYS B 83 13.89 20.18 9.33
C LYS B 83 13.56 21.37 8.42
N SER B 84 12.35 21.91 8.60
CA SER B 84 11.90 23.05 7.81
C SER B 84 10.74 23.72 8.55
N SER B 85 10.64 25.04 8.41
CA SER B 85 9.58 25.77 9.09
C SER B 85 8.24 25.59 8.38
N GLU B 86 7.18 26.01 9.04
CA GLU B 86 5.83 25.93 8.49
C GLU B 86 5.76 26.77 7.21
N PHE B 87 6.37 27.95 7.25
CA PHE B 87 6.39 28.85 6.10
C PHE B 87 7.11 28.19 4.93
N GLU B 88 8.22 27.51 5.22
CA GLU B 88 8.99 26.85 4.16
C GLU B 88 8.16 25.78 3.45
N LYS B 89 7.29 25.10 4.20
CA LYS B 89 6.47 24.06 3.61
C LYS B 89 5.24 24.59 2.89
N PHE B 90 4.53 25.51 3.53
CA PHE B 90 3.26 26.00 2.98
C PHE B 90 3.12 27.34 2.28
N ASP B 91 4.13 28.19 2.31
CA ASP B 91 3.96 29.48 1.65
C ASP B 91 3.70 29.34 0.16
N GLY B 92 2.59 29.91 -0.29
CA GLY B 92 2.25 29.83 -1.70
C GLY B 92 1.61 28.52 -2.14
N VAL B 93 1.33 27.66 -1.17
CA VAL B 93 0.70 26.36 -1.48
C VAL B 93 -0.81 26.44 -1.28
N GLU B 94 -1.56 25.90 -2.24
CA GLU B 94 -3.01 25.90 -2.17
C GLU B 94 -3.52 24.80 -1.25
N TYR B 95 -4.27 25.18 -0.23
CA TYR B 95 -4.84 24.20 0.70
C TYR B 95 -6.07 24.79 1.35
N LYS B 96 -6.81 23.95 2.07
CA LYS B 96 -7.99 24.38 2.81
C LYS B 96 -7.96 23.56 4.07
N THR B 97 -8.75 23.96 5.07
CA THR B 97 -8.74 23.23 6.34
C THR B 97 -10.05 22.47 6.61
N GLY B 98 -9.93 21.18 6.90
CA GLY B 98 -11.13 20.41 7.17
C GLY B 98 -11.63 20.51 8.60
N LYS B 99 -12.80 19.91 8.86
CA LYS B 99 -13.37 19.94 10.20
C LYS B 99 -12.45 19.35 11.27
N THR B 100 -11.52 18.48 10.88
CA THR B 100 -10.60 17.88 11.86
C THR B 100 -9.50 18.85 12.22
N GLY B 101 -9.36 19.90 11.43
CA GLY B 101 -8.32 20.87 11.70
C GLY B 101 -7.08 20.68 10.85
N VAL B 102 -6.98 19.55 10.15
CA VAL B 102 -5.79 19.33 9.33
C VAL B 102 -5.86 20.12 8.03
N PRO B 103 -4.69 20.56 7.55
CA PRO B 103 -4.66 21.30 6.29
C PRO B 103 -4.68 20.29 5.16
N LEU B 104 -5.63 20.45 4.24
CA LEU B 104 -5.74 19.53 3.11
C LEU B 104 -5.10 20.22 1.91
N VAL B 105 -3.91 19.76 1.51
CA VAL B 105 -3.21 20.36 0.38
C VAL B 105 -3.88 19.94 -0.92
N THR B 106 -4.46 20.89 -1.64
CA THR B 106 -5.15 20.60 -2.87
C THR B 106 -4.31 20.82 -4.12
N GLN B 107 -3.21 21.55 -3.98
CA GLN B 107 -2.33 21.80 -5.13
C GLN B 107 -1.67 20.49 -5.58
N HIS B 108 -1.71 20.25 -6.88
CA HIS B 108 -1.14 19.06 -7.50
C HIS B 108 -1.76 17.76 -6.97
N ALA B 109 -2.93 17.87 -6.36
CA ALA B 109 -3.59 16.69 -5.82
C ALA B 109 -4.75 16.20 -6.69
N VAL B 110 -4.78 14.89 -6.94
CA VAL B 110 -5.86 14.29 -7.71
C VAL B 110 -7.03 14.10 -6.75
N ALA B 111 -6.72 13.92 -5.47
CA ALA B 111 -7.73 13.75 -4.44
C ALA B 111 -7.15 14.04 -3.05
N VAL B 112 -8.03 14.30 -2.10
CA VAL B 112 -7.63 14.53 -0.71
C VAL B 112 -8.52 13.70 0.20
N ILE B 113 -7.95 13.23 1.30
CA ILE B 113 -8.66 12.43 2.27
C ILE B 113 -8.36 12.99 3.65
N GLU B 114 -9.39 13.07 4.49
CA GLU B 114 -9.22 13.59 5.83
C GLU B 114 -9.60 12.47 6.78
N ALA B 115 -8.79 12.22 7.80
CA ALA B 115 -9.09 11.14 8.75
C ALA B 115 -8.80 11.43 10.22
N LYS B 116 -9.54 10.74 11.10
CA LYS B 116 -9.32 10.89 12.53
C LYS B 116 -8.68 9.58 12.97
N VAL B 117 -7.60 9.66 13.73
CA VAL B 117 -6.91 8.45 14.18
C VAL B 117 -7.75 7.72 15.21
N VAL B 118 -7.99 6.44 14.96
CA VAL B 118 -8.77 5.62 15.89
C VAL B 118 -7.91 4.53 16.53
N LYS B 119 -6.75 4.26 15.94
CA LYS B 119 -5.85 3.23 16.46
C LYS B 119 -4.43 3.47 16.00
N GLU B 120 -3.47 3.03 16.80
CA GLU B 120 -2.07 3.15 16.46
C GLU B 120 -1.45 1.79 16.61
N CYS B 121 -0.68 1.40 15.60
CA CYS B 121 0.01 0.11 15.56
C CYS B 121 1.50 0.43 15.57
N ASP B 122 2.14 0.29 16.73
CA ASP B 122 3.56 0.59 16.84
C ASP B 122 4.39 -0.55 16.26
N VAL B 123 5.22 -0.24 15.25
CA VAL B 123 6.04 -1.27 14.63
C VAL B 123 7.53 -1.04 14.75
N GLY B 124 7.93 -0.38 15.83
CA GLY B 124 9.34 -0.17 16.07
C GLY B 124 9.85 1.20 15.69
N THR B 125 10.49 1.29 14.52
CA THR B 125 11.02 2.57 14.07
C THR B 125 9.93 3.50 13.56
N HIS B 126 8.77 2.93 13.25
CA HIS B 126 7.63 3.67 12.70
C HIS B 126 6.34 3.39 13.45
N THR B 127 5.35 4.24 13.23
CA THR B 127 4.03 4.03 13.80
C THR B 127 3.08 3.97 12.60
N LEU B 128 2.24 2.94 12.57
CA LEU B 128 1.22 2.84 11.53
C LEU B 128 -0.03 3.43 12.18
N PHE B 129 -0.48 4.58 11.68
CA PHE B 129 -1.66 5.22 12.23
C PHE B 129 -2.87 4.75 11.42
N VAL B 130 -3.92 4.32 12.11
CA VAL B 130 -5.14 3.87 11.45
C VAL B 130 -6.14 4.98 11.60
N GLY B 131 -6.52 5.59 10.49
CA GLY B 131 -7.50 6.66 10.56
C GLY B 131 -8.84 6.33 9.94
N GLU B 132 -9.93 6.75 10.58
CA GLU B 132 -11.25 6.53 10.02
C GLU B 132 -11.48 7.74 9.11
N ALA B 133 -11.73 7.52 7.83
CA ALA B 133 -11.94 8.63 6.91
C ALA B 133 -13.21 9.39 7.28
N VAL B 134 -13.11 10.71 7.37
CA VAL B 134 -14.27 11.54 7.70
C VAL B 134 -14.73 12.34 6.47
N ASP B 135 -13.82 12.58 5.53
CA ASP B 135 -14.14 13.24 4.28
C ASP B 135 -13.14 12.79 3.22
N ALA B 136 -13.51 12.95 1.96
CA ALA B 136 -12.66 12.59 0.85
C ALA B 136 -13.27 13.25 -0.36
N GLU B 137 -12.42 13.70 -1.27
CA GLU B 137 -12.87 14.40 -2.47
C GLU B 137 -11.93 14.20 -3.65
N VAL B 138 -12.50 14.00 -4.84
CA VAL B 138 -11.71 13.86 -6.05
C VAL B 138 -11.62 15.30 -6.57
N LEU B 139 -10.41 15.76 -6.86
CA LEU B 139 -10.18 17.15 -7.28
C LEU B 139 -9.84 17.39 -8.73
N LYS B 140 -9.16 16.43 -9.35
CA LYS B 140 -8.72 16.57 -10.73
C LYS B 140 -8.89 15.32 -11.55
N ASP B 141 -8.87 15.54 -12.87
CA ASP B 141 -8.99 14.46 -13.83
C ASP B 141 -7.60 14.24 -14.40
N ALA B 142 -6.68 13.85 -13.53
CA ALA B 142 -5.30 13.61 -13.93
C ALA B 142 -4.84 12.26 -13.39
N GLU B 143 -3.75 11.75 -13.96
CA GLU B 143 -3.19 10.46 -13.53
C GLU B 143 -2.44 10.64 -12.22
N VAL B 144 -2.39 9.58 -11.42
CA VAL B 144 -1.68 9.66 -10.15
C VAL B 144 -0.20 9.37 -10.37
N LEU B 145 0.62 9.85 -9.44
CA LEU B 145 2.06 9.64 -9.50
C LEU B 145 2.37 8.42 -8.63
N THR B 146 2.93 7.35 -9.20
CA THR B 146 3.25 6.20 -8.35
C THR B 146 4.67 6.39 -7.81
N TYR B 147 5.03 5.62 -6.78
CA TYR B 147 6.35 5.72 -6.20
C TYR B 147 7.41 5.31 -7.24
N ALA B 148 7.08 4.29 -8.02
CA ALA B 148 8.01 3.82 -9.04
C ALA B 148 8.19 4.90 -10.12
N ASP B 149 7.11 5.60 -10.48
CA ASP B 149 7.15 6.67 -11.48
C ASP B 149 8.09 7.76 -10.96
N TYR B 150 7.90 8.10 -9.70
CA TYR B 150 8.70 9.13 -9.05
C TYR B 150 10.18 8.80 -9.14
N HIS B 151 10.55 7.57 -8.78
CA HIS B 151 11.94 7.17 -8.84
C HIS B 151 12.50 7.24 -10.26
N LEU B 152 11.69 6.84 -11.23
CA LEU B 152 12.12 6.89 -12.62
C LEU B 152 12.33 8.34 -13.04
N MET B 153 11.29 9.14 -12.92
CA MET B 153 11.35 10.54 -13.31
C MET B 153 12.45 11.29 -12.59
N LYS B 154 12.63 11.02 -11.30
CA LYS B 154 13.67 11.69 -10.52
C LYS B 154 14.99 11.53 -11.27
N LYS B 155 15.18 10.36 -11.88
CA LYS B 155 16.39 10.07 -12.63
C LYS B 155 16.18 10.37 -14.11
N GLY B 156 15.37 11.37 -14.40
CA GLY B 156 15.09 11.77 -15.76
C GLY B 156 14.68 10.67 -16.73
N LYS B 157 13.97 9.66 -16.22
CA LYS B 157 13.53 8.56 -17.07
C LYS B 157 12.02 8.54 -17.23
N THR B 158 11.55 7.90 -18.30
CA THR B 158 10.11 7.82 -18.58
C THR B 158 9.41 6.93 -17.55
N PRO B 159 8.24 7.38 -17.06
CA PRO B 159 7.44 6.64 -16.06
C PRO B 159 6.91 5.30 -16.60
N ARG B 160 6.64 4.37 -15.70
CA ARG B 160 6.12 3.07 -16.11
C ARG B 160 4.72 3.33 -16.65
N THR B 161 4.03 4.29 -16.05
CA THR B 161 2.68 4.66 -16.45
C THR B 161 2.71 5.14 -17.91
N ALA B 162 3.88 5.04 -18.54
CA ALA B 162 4.03 5.45 -19.92
C ALA B 162 4.74 4.38 -20.75
N THR B 163 5.31 3.38 -20.08
CA THR B 163 6.01 2.30 -20.78
C THR B 163 5.10 1.08 -20.93
N VAL B 164 4.02 1.06 -20.17
CA VAL B 164 3.06 -0.02 -20.23
C VAL B 164 1.87 0.47 -21.06
N TYR B 165 1.36 -0.39 -21.94
CA TYR B 165 0.25 -0.03 -22.80
C TYR B 165 -0.90 -1.02 -22.69
N PHE B 166 -2.12 -0.51 -22.61
CA PHE B 166 -3.30 -1.36 -22.52
C PHE B 166 -4.11 -1.32 -23.81
N GLU B 167 -4.39 -2.51 -24.34
CA GLU B 167 -5.13 -2.67 -25.58
C GLU B 167 -6.61 -2.95 -25.34
N SER B 168 -7.45 -2.03 -25.81
CA SER B 168 -8.90 -2.17 -25.66
C SER B 168 -9.46 -3.16 -26.67
#